data_8OGA
#
_entry.id   8OGA
#
_cell.length_a   81.581
_cell.length_b   81.581
_cell.length_c   234.805
_cell.angle_alpha   90.000
_cell.angle_beta   90.000
_cell.angle_gamma   120.000
#
_symmetry.space_group_name_H-M   'P 61 2 2'
#
loop_
_entity.id
_entity.type
_entity.pdbx_description
1 polymer 'DDB1- and CUL4-associated factor 1'
2 non-polymer 1,2-ETHANEDIOL
3 non-polymer 'DIMETHYL SULFOXIDE'
4 non-polymer 5-[1-(4-methoxyphenyl)cyclopropyl]-8-(4-methylpiperazin-1-yl)-2,3-dihydroimidazo[2,1-a]isoquinoline
5 water water
#
_entity_poly.entity_id   1
_entity_poly.type   'polypeptide(L)'
_entity_poly.pdbx_seq_one_letter_code
;GGGRFRPISVFREANEDESGFTCCAFSARERFLMLGTCTGQLKLYNVFSGQEEASYNCHNSAITHLEPSRDGSLLLTSAT
WSQPLSALWGMKSVFDMKHSFTEDHYVEFSKHSQDRVIGTKGDIAHIYDIQTGNKLLTLFNPDLANNYKRNCATFNPTDD
LVLNDGVLWDVRSALAIHKFDKFNMNISGVFHPNGLEVIINTEIWDLRTFHLLHTVPALDQCRVVFNHTGTVMYGAMLQA
DDEDDLMEERMKSPFGSSFRTFNATDYKPIATIDVKRNIFDLCTDTKDCYLAVIENQGSMDALNMDTVCRLYEVGRQR
;
_entity_poly.pdbx_strand_id   P
#
# COMPACT_ATOMS: atom_id res chain seq x y z
N PHE A 5 -2.28 -19.89 9.96
CA PHE A 5 -2.57 -18.52 10.50
C PHE A 5 -3.20 -18.58 11.91
N ARG A 6 -2.38 -18.48 12.96
CA ARG A 6 -2.74 -18.50 14.40
C ARG A 6 -2.94 -17.07 14.91
N PRO A 7 -4.17 -16.69 15.27
CA PRO A 7 -4.42 -15.38 15.83
C PRO A 7 -3.70 -15.27 17.17
N ILE A 8 -2.92 -14.22 17.37
CA ILE A 8 -2.12 -14.04 18.60
C ILE A 8 -2.54 -12.75 19.28
N SER A 9 -3.09 -11.76 18.57
CA SER A 9 -3.46 -10.47 19.21
C SER A 9 -4.64 -9.82 18.49
N VAL A 10 -5.41 -9.03 19.24
CA VAL A 10 -6.50 -8.22 18.60
C VAL A 10 -6.65 -6.94 19.38
N PHE A 11 -6.85 -5.85 18.67
CA PHE A 11 -7.24 -4.60 19.36
C PHE A 11 -8.07 -3.65 18.49
N ARG A 12 -8.79 -2.80 19.20
CA ARG A 12 -9.57 -1.70 18.60
C ARG A 12 -8.99 -0.35 19.06
N GLU A 13 -9.27 0.70 18.34
CA GLU A 13 -8.74 2.04 18.64
C GLU A 13 -9.15 2.43 20.03
N ALA A 14 -8.23 2.96 20.84
CA ALA A 14 -8.50 3.32 22.25
C ALA A 14 -9.61 4.37 22.39
N ASN A 15 -10.54 4.12 23.34
CA ASN A 15 -11.62 5.04 23.87
C ASN A 15 -12.82 5.18 22.91
N GLU A 16 -12.56 5.16 21.60
CA GLU A 16 -13.54 5.37 20.53
C GLU A 16 -14.77 4.49 20.76
N ASP A 17 -15.97 5.07 20.64
CA ASP A 17 -17.24 4.32 20.51
C ASP A 17 -17.14 3.46 19.26
N GLU A 18 -16.79 4.01 18.08
CA GLU A 18 -16.50 3.16 16.89
C GLU A 18 -15.02 3.33 16.52
N SER A 19 -14.39 2.23 16.18
CA SER A 19 -12.94 2.12 16.00
C SER A 19 -12.67 2.45 14.55
N GLY A 20 -11.74 3.37 14.28
CA GLY A 20 -11.59 3.99 12.97
C GLY A 20 -10.26 3.69 12.27
N PHE A 21 -9.59 2.58 12.60
CA PHE A 21 -8.40 2.11 11.88
C PHE A 21 -8.75 1.88 10.42
N THR A 22 -7.88 2.37 9.55
CA THR A 22 -8.05 2.31 8.09
C THR A 22 -6.85 1.67 7.38
N CYS A 23 -5.67 1.73 7.95
CA CYS A 23 -4.48 1.13 7.31
C CYS A 23 -3.39 1.01 8.36
N CYS A 24 -2.41 0.16 8.07
CA CYS A 24 -1.37 -0.22 9.05
C CYS A 24 -0.05 -0.44 8.34
N ALA A 25 1.05 -0.28 9.07
CA ALA A 25 2.40 -0.72 8.68
C ALA A 25 3.22 -0.91 9.96
N PHE A 26 4.09 -1.91 10.00
CA PHE A 26 5.02 -2.06 11.14
C PHE A 26 6.07 -0.96 11.12
N SER A 27 6.41 -0.46 12.30
CA SER A 27 7.47 0.57 12.45
C SER A 27 8.82 -0.14 12.35
N ALA A 28 9.88 0.58 11.97
CA ALA A 28 11.27 0.17 12.24
C ALA A 28 11.51 -0.15 13.75
N ARG A 29 10.72 0.36 14.71
CA ARG A 29 10.83 -0.03 16.15
C ARG A 29 10.04 -1.32 16.42
N GLU A 30 10.73 -2.48 16.45
CA GLU A 30 10.23 -3.80 16.97
C GLU A 30 9.05 -3.54 17.94
N ARG A 31 7.95 -4.32 17.81
CA ARG A 31 6.79 -4.50 18.76
C ARG A 31 5.66 -3.48 18.45
N PHE A 32 5.92 -2.45 17.63
CA PHE A 32 5.02 -1.27 17.42
C PHE A 32 4.41 -1.30 16.02
N LEU A 33 3.10 -1.14 15.96
CA LEU A 33 2.42 -1.03 14.67
C LEU A 33 1.97 0.42 14.50
N MET A 34 2.10 0.94 13.28
CA MET A 34 1.59 2.27 12.91
C MET A 34 0.23 2.10 12.25
N LEU A 35 -0.76 2.86 12.67
CA LEU A 35 -2.09 2.77 12.06
C LEU A 35 -2.57 4.16 11.66
N GLY A 36 -3.17 4.27 10.49
CA GLY A 36 -4.00 5.43 10.10
C GLY A 36 -5.43 5.30 10.57
N THR A 37 -6.14 6.43 10.66
CA THR A 37 -7.56 6.42 11.11
C THR A 37 -8.40 7.24 10.17
N CYS A 38 -9.71 7.04 10.29
CA CYS A 38 -10.74 7.75 9.52
C CYS A 38 -10.80 9.24 9.95
N THR A 39 -10.18 9.69 11.05
CA THR A 39 -10.06 11.13 11.37
C THR A 39 -8.67 11.69 10.98
N GLY A 40 -7.88 10.96 10.19
CA GLY A 40 -6.59 11.42 9.71
C GLY A 40 -5.53 11.34 10.78
N GLN A 41 -5.73 10.56 11.81
CA GLN A 41 -4.70 10.40 12.84
C GLN A 41 -3.73 9.28 12.47
N LEU A 42 -2.48 9.47 12.86
N LEU A 42 -2.48 9.45 12.89
CA LEU A 42 -1.46 8.43 12.89
CA LEU A 42 -1.45 8.40 12.87
C LEU A 42 -1.29 8.03 14.35
C LEU A 42 -1.15 8.02 14.32
N LYS A 43 -1.37 6.74 14.66
CA LYS A 43 -1.27 6.19 16.01
C LYS A 43 -0.17 5.13 16.02
N LEU A 44 0.49 5.00 17.16
CA LEU A 44 1.48 3.96 17.41
C LEU A 44 0.89 3.05 18.50
N TYR A 45 0.78 1.76 18.22
CA TYR A 45 0.20 0.77 19.18
C TYR A 45 1.25 -0.31 19.43
N ASN A 46 1.37 -0.73 20.66
CA ASN A 46 1.94 -2.05 21.00
C ASN A 46 1.03 -3.12 20.43
N VAL A 47 1.59 -3.94 19.56
CA VAL A 47 0.82 -4.89 18.70
C VAL A 47 0.33 -6.10 19.54
N PHE A 48 1.04 -6.46 20.62
CA PHE A 48 0.70 -7.52 21.60
C PHE A 48 -0.21 -6.99 22.72
N SER A 49 0.06 -5.82 23.37
CA SER A 49 -0.77 -5.27 24.49
C SER A 49 -2.04 -4.60 23.97
N GLY A 50 -2.01 -3.99 22.79
CA GLY A 50 -3.11 -3.16 22.28
C GLY A 50 -3.06 -1.78 22.91
N GLN A 51 -1.95 -1.45 23.56
CA GLN A 51 -1.76 -0.13 24.21
C GLN A 51 -1.49 0.93 23.14
N GLU A 52 -2.22 2.04 23.16
CA GLU A 52 -1.90 3.24 22.32
C GLU A 52 -0.68 3.99 22.90
N GLU A 53 0.39 4.13 22.15
CA GLU A 53 1.62 4.76 22.66
C GLU A 53 1.72 6.22 22.23
N ALA A 54 1.23 6.58 21.05
CA ALA A 54 1.28 7.98 20.56
C ALA A 54 0.16 8.20 19.56
N SER A 55 -0.12 9.47 19.30
CA SER A 55 -1.18 9.91 18.39
C SER A 55 -0.78 11.25 17.78
N TYR A 56 -0.89 11.42 16.47
N TYR A 56 -0.86 11.44 16.48
CA TYR A 56 -0.53 12.66 15.74
CA TYR A 56 -0.66 12.75 15.83
C TYR A 56 -1.65 12.90 14.72
C TYR A 56 -1.71 12.89 14.76
N ASN A 57 -2.23 14.11 14.60
CA ASN A 57 -3.19 14.41 13.52
C ASN A 57 -2.40 14.78 12.25
N CYS A 58 -2.38 13.92 11.25
CA CYS A 58 -1.68 14.21 9.98
C CYS A 58 -2.60 14.92 9.01
N HIS A 59 -3.88 14.58 9.03
CA HIS A 59 -4.85 15.11 8.05
C HIS A 59 -6.22 15.34 8.70
N ASN A 60 -6.99 16.15 8.01
CA ASN A 60 -8.39 16.46 8.41
C ASN A 60 -9.35 15.74 7.44
N SER A 61 -8.91 14.61 6.94
CA SER A 61 -9.76 13.60 6.26
C SER A 61 -9.14 12.24 6.52
N ALA A 62 -9.84 11.20 6.21
CA ALA A 62 -9.43 9.82 6.51
C ALA A 62 -8.06 9.53 5.85
N ILE A 63 -7.16 8.83 6.55
CA ILE A 63 -5.97 8.18 5.95
C ILE A 63 -6.36 6.96 5.08
N THR A 64 -5.86 6.94 3.87
CA THR A 64 -6.00 5.81 2.93
C THR A 64 -4.72 5.01 2.87
N HIS A 65 -3.57 5.56 3.27
CA HIS A 65 -2.31 4.86 2.99
C HIS A 65 -1.23 5.42 3.87
N LEU A 66 -0.37 4.57 4.38
CA LEU A 66 0.88 5.05 5.00
C LEU A 66 2.03 4.11 4.64
N GLU A 67 3.26 4.62 4.53
CA GLU A 67 4.46 3.82 4.22
C GLU A 67 5.61 4.39 5.02
N PRO A 68 6.11 3.67 6.03
CA PRO A 68 7.34 4.06 6.72
C PRO A 68 8.57 3.82 5.84
N SER A 69 9.67 4.56 6.05
CA SER A 69 10.94 4.29 5.35
C SER A 69 11.63 3.17 6.11
N ARG A 70 12.43 2.36 5.43
CA ARG A 70 13.20 1.25 6.06
C ARG A 70 14.03 1.76 7.23
N ASP A 71 14.61 2.95 7.17
CA ASP A 71 15.53 3.33 8.28
C ASP A 71 14.78 4.00 9.42
N GLY A 72 13.45 4.01 9.37
CA GLY A 72 12.59 4.55 10.44
C GLY A 72 12.61 6.07 10.61
N SER A 73 13.20 6.85 9.71
CA SER A 73 13.31 8.32 9.87
C SER A 73 12.14 9.04 9.17
N LEU A 74 11.40 8.41 8.26
CA LEU A 74 10.43 9.14 7.42
C LEU A 74 9.17 8.29 7.31
N LEU A 75 8.04 8.97 7.06
CA LEU A 75 6.73 8.33 6.81
C LEU A 75 6.02 9.09 5.71
N LEU A 76 5.39 8.35 4.81
CA LEU A 76 4.43 8.90 3.86
C LEU A 76 3.00 8.62 4.33
N THR A 77 2.10 9.59 4.12
CA THR A 77 0.65 9.47 4.33
C THR A 77 -0.09 9.99 3.10
N SER A 78 -1.27 9.44 2.89
CA SER A 78 -2.27 9.94 1.93
C SER A 78 -3.62 9.96 2.65
N ALA A 79 -4.45 10.88 2.24
CA ALA A 79 -5.75 11.12 2.85
C ALA A 79 -6.80 11.07 1.74
N THR A 80 -8.00 11.47 2.04
CA THR A 80 -9.20 11.30 1.20
C THR A 80 -9.55 12.59 0.44
N TRP A 81 -9.74 13.72 1.13
N TRP A 81 -9.76 13.70 1.14
CA TRP A 81 -10.24 14.96 0.48
CA TRP A 81 -10.28 14.94 0.51
C TRP A 81 -9.56 16.24 1.04
C TRP A 81 -9.36 16.15 0.86
N SER A 82 -8.63 16.10 1.96
CA SER A 82 -7.68 17.15 2.39
C SER A 82 -6.85 17.75 1.25
N GLN A 83 -6.45 19.00 1.38
CA GLN A 83 -5.36 19.62 0.60
C GLN A 83 -4.35 20.07 1.65
N PRO A 84 -3.06 19.61 1.67
CA PRO A 84 -2.52 18.66 0.71
C PRO A 84 -3.07 17.26 0.94
N LEU A 85 -3.12 16.47 -0.09
CA LEU A 85 -3.72 15.13 -0.10
C LEU A 85 -2.73 14.11 0.41
N SER A 86 -1.42 14.30 0.21
CA SER A 86 -0.34 13.42 0.71
C SER A 86 0.74 14.26 1.37
N ALA A 87 1.55 13.62 2.19
CA ALA A 87 2.62 14.33 2.91
C ALA A 87 3.73 13.35 3.33
N LEU A 88 4.92 13.93 3.56
CA LEU A 88 6.13 13.31 4.08
C LEU A 88 6.44 13.90 5.44
N TRP A 89 6.53 13.03 6.45
CA TRP A 89 6.69 13.37 7.89
C TRP A 89 8.07 12.90 8.35
N GLY A 90 8.78 13.69 9.16
CA GLY A 90 10.04 13.29 9.79
C GLY A 90 9.69 12.65 11.11
N MET A 91 10.30 11.52 11.46
CA MET A 91 10.04 10.83 12.76
C MET A 91 11.23 10.83 13.72
N LYS A 92 12.43 11.22 13.29
CA LYS A 92 13.62 11.26 14.18
C LYS A 92 13.37 12.40 15.17
N SER A 93 13.26 12.09 16.46
CA SER A 93 13.31 13.07 17.57
C SER A 93 11.95 13.79 17.75
N VAL A 94 11.48 14.61 16.83
CA VAL A 94 10.15 15.28 16.96
C VAL A 94 9.37 15.05 15.68
N PHE A 95 8.13 14.61 15.78
CA PHE A 95 7.29 14.30 14.60
C PHE A 95 6.90 15.61 13.90
N ASP A 96 7.18 15.77 12.62
CA ASP A 96 6.90 17.07 11.94
C ASP A 96 6.76 16.85 10.43
N MET A 97 6.11 17.76 9.73
CA MET A 97 5.87 17.64 8.29
C MET A 97 7.11 18.15 7.59
N LYS A 98 7.64 17.40 6.63
CA LYS A 98 8.82 17.77 5.82
C LYS A 98 8.39 18.34 4.46
N HIS A 99 7.48 17.71 3.75
CA HIS A 99 6.99 18.18 2.44
C HIS A 99 5.54 17.73 2.32
N SER A 100 4.84 18.31 1.36
CA SER A 100 3.41 18.05 1.15
C SER A 100 3.22 17.91 -0.35
N PHE A 101 2.36 17.00 -0.80
CA PHE A 101 2.13 16.71 -2.24
C PHE A 101 0.70 17.08 -2.49
N THR A 102 0.51 18.22 -3.09
CA THR A 102 -0.74 18.98 -3.02
C THR A 102 -1.89 18.10 -3.57
N GLU A 103 -1.79 17.51 -4.74
CA GLU A 103 -2.90 16.74 -5.32
C GLU A 103 -2.59 15.25 -5.55
N ASP A 104 -1.50 14.69 -5.07
CA ASP A 104 -1.20 13.25 -5.25
C ASP A 104 -2.05 12.46 -4.27
N HIS A 105 -2.91 11.58 -4.74
CA HIS A 105 -3.83 10.77 -3.87
C HIS A 105 -3.16 9.50 -3.36
N TYR A 106 -1.99 9.18 -3.90
CA TYR A 106 -1.15 8.04 -3.47
C TYR A 106 0.33 8.38 -3.64
N VAL A 107 1.15 7.89 -2.72
CA VAL A 107 2.63 8.12 -2.74
C VAL A 107 3.33 6.85 -2.26
N GLU A 108 4.54 6.61 -2.78
CA GLU A 108 5.45 5.55 -2.24
C GLU A 108 6.89 6.05 -2.26
N PHE A 109 7.74 5.43 -1.45
CA PHE A 109 9.20 5.56 -1.57
C PHE A 109 9.73 4.79 -2.78
N SER A 110 10.85 5.30 -3.29
CA SER A 110 11.77 4.47 -4.09
C SER A 110 12.26 3.33 -3.16
N LYS A 111 12.71 2.23 -3.75
CA LYS A 111 12.91 0.90 -3.11
C LYS A 111 14.38 0.63 -2.83
N HIS A 112 15.28 0.94 -3.77
CA HIS A 112 16.72 0.62 -3.62
C HIS A 112 17.30 1.66 -2.68
N SER A 113 17.49 2.85 -3.18
CA SER A 113 17.92 3.95 -2.32
C SER A 113 16.67 4.79 -2.07
N GLN A 114 16.24 4.94 -0.82
CA GLN A 114 14.99 5.69 -0.52
C GLN A 114 15.27 7.21 -0.45
N ASP A 115 15.60 7.84 -1.56
CA ASP A 115 15.87 9.28 -1.71
C ASP A 115 14.79 9.91 -2.62
N ARG A 116 13.79 9.16 -3.08
CA ARG A 116 12.73 9.75 -3.93
C ARG A 116 11.37 9.28 -3.50
N VAL A 117 10.38 10.07 -3.89
CA VAL A 117 8.96 9.73 -3.70
C VAL A 117 8.34 9.69 -5.08
N ILE A 118 7.49 8.71 -5.32
CA ILE A 118 6.62 8.72 -6.51
C ILE A 118 5.15 8.88 -6.08
N GLY A 119 4.50 9.85 -6.69
CA GLY A 119 3.11 10.21 -6.42
C GLY A 119 2.27 9.99 -7.66
N THR A 120 0.98 9.72 -7.44
CA THR A 120 -0.02 9.46 -8.48
C THR A 120 -1.11 10.51 -8.32
N LYS A 121 -1.41 11.20 -9.40
CA LYS A 121 -2.57 12.09 -9.56
C LYS A 121 -3.39 11.62 -10.75
N GLY A 122 -4.48 10.88 -10.50
CA GLY A 122 -5.26 10.20 -11.54
C GLY A 122 -4.37 9.29 -12.37
N ASP A 123 -4.24 9.62 -13.65
CA ASP A 123 -3.47 8.86 -14.65
C ASP A 123 -2.00 9.33 -14.71
N ILE A 124 -1.60 10.29 -13.88
CA ILE A 124 -0.28 10.92 -14.02
C ILE A 124 0.60 10.47 -12.87
N ALA A 125 1.87 10.20 -13.15
CA ALA A 125 2.88 9.99 -12.10
C ALA A 125 3.84 11.18 -11.99
N HIS A 126 4.21 11.49 -10.75
CA HIS A 126 5.17 12.57 -10.41
C HIS A 126 6.29 11.95 -9.60
N ILE A 127 7.52 12.31 -9.89
CA ILE A 127 8.65 11.89 -9.03
C ILE A 127 9.28 13.12 -8.37
N TYR A 128 9.56 13.00 -7.09
CA TYR A 128 10.04 14.08 -6.23
C TYR A 128 11.34 13.65 -5.55
N ASP A 129 12.23 14.62 -5.40
CA ASP A 129 13.39 14.54 -4.50
C ASP A 129 12.86 14.64 -3.06
N ILE A 130 13.28 13.74 -2.20
CA ILE A 130 13.00 13.82 -0.73
C ILE A 130 13.71 15.01 -0.02
N GLN A 131 14.94 15.38 -0.38
CA GLN A 131 15.65 16.43 0.40
C GLN A 131 15.07 17.82 0.07
N THR A 132 14.88 18.15 -1.20
CA THR A 132 14.37 19.48 -1.61
C THR A 132 12.86 19.48 -1.74
N GLY A 133 12.22 18.35 -1.96
CA GLY A 133 10.76 18.30 -2.20
C GLY A 133 10.46 18.63 -3.65
N ASN A 134 11.47 18.95 -4.44
CA ASN A 134 11.21 19.37 -5.84
C ASN A 134 10.67 18.22 -6.65
N LYS A 135 9.78 18.55 -7.56
CA LYS A 135 9.26 17.61 -8.56
C LYS A 135 10.35 17.47 -9.59
N LEU A 136 10.93 16.29 -9.80
CA LEU A 136 11.96 16.07 -10.82
C LEU A 136 11.35 15.73 -12.17
N LEU A 137 10.19 15.11 -12.22
CA LEU A 137 9.76 14.36 -13.44
C LEU A 137 8.26 14.08 -13.36
N THR A 138 7.61 14.17 -14.51
CA THR A 138 6.18 13.89 -14.71
C THR A 138 6.04 12.82 -15.77
N LEU A 139 5.51 11.62 -15.47
CA LEU A 139 5.37 10.57 -16.51
C LEU A 139 3.90 10.45 -16.86
N PHE A 140 3.56 10.90 -18.04
CA PHE A 140 2.21 10.86 -18.62
C PHE A 140 2.31 10.97 -20.13
N ASN A 141 1.65 10.08 -20.84
CA ASN A 141 1.40 10.17 -22.30
C ASN A 141 -0.06 9.82 -22.56
N PRO A 142 -0.88 10.76 -23.08
CA PRO A 142 -2.31 10.51 -23.21
C PRO A 142 -2.60 9.48 -24.32
N ASP A 143 -1.72 9.33 -25.29
CA ASP A 143 -1.91 8.29 -26.32
C ASP A 143 -1.72 6.91 -25.70
N LEU A 144 -1.00 6.78 -24.58
CA LEU A 144 -0.66 5.45 -24.02
C LEU A 144 -1.50 5.11 -22.78
N ALA A 145 -2.24 6.05 -22.21
CA ALA A 145 -3.03 5.82 -20.99
C ALA A 145 -4.01 4.64 -21.15
N ASN A 146 -4.25 3.95 -20.04
CA ASN A 146 -5.28 2.91 -19.80
C ASN A 146 -6.39 3.44 -18.88
N ASN A 147 -6.19 4.56 -18.18
CA ASN A 147 -7.26 5.16 -17.34
C ASN A 147 -7.75 4.16 -16.28
N TYR A 148 -6.86 3.43 -15.65
CA TYR A 148 -7.22 2.50 -14.57
C TYR A 148 -7.86 3.37 -13.48
N LYS A 149 -9.02 2.96 -12.98
CA LYS A 149 -9.71 3.68 -11.89
C LYS A 149 -8.90 3.54 -10.61
N ARG A 150 -8.09 2.54 -10.37
CA ARG A 150 -7.31 2.61 -9.10
C ARG A 150 -5.80 2.68 -9.39
N ASN A 151 -5.40 3.49 -10.36
CA ASN A 151 -3.99 3.63 -10.77
C ASN A 151 -3.13 3.99 -9.56
N CYS A 152 -2.05 3.26 -9.33
CA CYS A 152 -0.97 3.58 -8.36
C CYS A 152 0.37 3.41 -9.06
N ALA A 153 1.11 4.51 -9.25
CA ALA A 153 2.45 4.53 -9.85
C ALA A 153 3.44 3.95 -8.85
N THR A 154 4.38 3.16 -9.32
CA THR A 154 5.28 2.47 -8.41
C THR A 154 6.66 2.33 -9.08
N PHE A 155 7.70 2.27 -8.27
CA PHE A 155 9.07 1.96 -8.73
C PHE A 155 9.32 0.45 -8.73
N ASN A 156 10.24 -0.03 -9.56
CA ASN A 156 10.70 -1.45 -9.52
C ASN A 156 11.78 -1.52 -8.47
N PRO A 157 12.28 -2.71 -8.08
CA PRO A 157 13.23 -2.84 -6.98
C PRO A 157 14.56 -2.07 -7.07
N THR A 158 15.01 -1.78 -8.29
CA THR A 158 16.28 -1.06 -8.55
C THR A 158 16.02 0.44 -8.75
N ASP A 159 14.77 0.92 -8.74
CA ASP A 159 14.40 2.37 -8.90
C ASP A 159 14.70 2.89 -10.32
N ASP A 160 14.88 2.08 -11.34
CA ASP A 160 15.12 2.62 -12.71
C ASP A 160 13.92 2.40 -13.65
N LEU A 161 12.89 1.64 -13.23
CA LEU A 161 11.63 1.53 -14.01
C LEU A 161 10.48 2.00 -13.12
N VAL A 162 9.45 2.48 -13.78
CA VAL A 162 8.15 2.88 -13.18
C VAL A 162 7.00 2.23 -13.95
N LEU A 163 6.00 1.79 -13.22
CA LEU A 163 4.72 1.30 -13.76
C LEU A 163 3.69 2.36 -13.41
N ASN A 164 3.07 2.96 -14.39
CA ASN A 164 2.03 3.95 -14.15
C ASN A 164 0.97 3.69 -15.20
N ASP A 165 -0.27 3.40 -14.76
CA ASP A 165 -1.43 3.30 -15.65
C ASP A 165 -1.19 2.19 -16.67
N GLY A 166 -0.49 1.13 -16.26
CA GLY A 166 -0.13 0.01 -17.14
C GLY A 166 0.91 0.35 -18.21
N VAL A 167 1.61 1.47 -18.06
CA VAL A 167 2.79 1.79 -18.88
C VAL A 167 4.08 1.62 -18.10
N LEU A 168 4.98 0.89 -18.71
CA LEU A 168 6.33 0.70 -18.16
C LEU A 168 7.20 1.84 -18.72
N TRP A 169 7.89 2.55 -17.83
CA TRP A 169 8.70 3.74 -18.16
C TRP A 169 10.13 3.48 -17.72
N ASP A 170 11.08 3.95 -18.54
CA ASP A 170 12.49 4.07 -18.14
C ASP A 170 12.67 5.44 -17.48
N VAL A 171 13.03 5.43 -16.20
CA VAL A 171 13.20 6.64 -15.37
C VAL A 171 14.36 7.50 -15.90
N ARG A 172 15.51 6.92 -16.30
CA ARG A 172 16.69 7.71 -16.78
C ARG A 172 16.24 8.48 -18.04
N SER A 173 15.75 7.80 -19.07
CA SER A 173 15.39 8.41 -20.37
C SER A 173 14.04 9.11 -20.30
N ALA A 174 13.21 8.89 -19.27
CA ALA A 174 11.79 9.37 -19.21
C ALA A 174 11.04 8.92 -20.47
N LEU A 175 11.31 7.72 -20.94
CA LEU A 175 10.68 7.17 -22.15
C LEU A 175 9.77 6.00 -21.75
N ALA A 176 8.60 5.95 -22.38
CA ALA A 176 7.71 4.80 -22.25
C ALA A 176 8.33 3.66 -23.04
N ILE A 177 8.60 2.54 -22.43
CA ILE A 177 9.17 1.42 -23.19
C ILE A 177 8.08 0.41 -23.52
N HIS A 178 6.95 0.36 -22.84
CA HIS A 178 5.86 -0.60 -23.19
C HIS A 178 4.54 -0.21 -22.52
N LYS A 179 3.45 -0.23 -23.29
CA LYS A 179 2.06 -0.17 -22.80
C LYS A 179 1.50 -1.58 -22.72
N PHE A 180 1.20 -2.09 -21.55
CA PHE A 180 0.52 -3.41 -21.40
C PHE A 180 -0.96 -3.24 -21.77
N ASP A 181 -1.52 -4.22 -22.44
CA ASP A 181 -2.95 -4.27 -22.77
C ASP A 181 -3.72 -4.33 -21.46
N LYS A 182 -4.91 -3.76 -21.59
CA LYS A 182 -5.87 -3.45 -20.53
C LYS A 182 -6.90 -4.56 -20.54
N PHE A 183 -6.99 -5.32 -19.46
CA PHE A 183 -7.91 -6.47 -19.34
C PHE A 183 -8.76 -6.32 -18.06
N ASN A 184 -8.68 -5.20 -17.36
CA ASN A 184 -9.65 -4.91 -16.26
C ASN A 184 -9.81 -3.39 -16.19
N MET A 185 -10.65 -2.89 -15.29
CA MET A 185 -10.98 -1.43 -15.21
C MET A 185 -10.25 -0.74 -14.06
N ASN A 186 -9.74 -1.47 -13.08
CA ASN A 186 -9.27 -0.86 -11.80
C ASN A 186 -7.79 -1.05 -11.50
N ILE A 187 -7.25 -2.25 -11.65
CA ILE A 187 -5.90 -2.56 -11.14
C ILE A 187 -4.87 -2.28 -12.23
N SER A 188 -3.87 -1.50 -11.88
CA SER A 188 -2.81 -1.03 -12.81
C SER A 188 -1.52 -1.85 -12.69
N GLY A 189 -1.21 -2.47 -11.54
CA GLY A 189 -0.08 -3.41 -11.49
C GLY A 189 1.07 -3.01 -10.62
N VAL A 190 1.87 -4.03 -10.26
CA VAL A 190 3.07 -3.95 -9.37
C VAL A 190 4.23 -4.77 -9.96
N PHE A 191 5.43 -4.46 -9.48
CA PHE A 191 6.64 -5.24 -9.85
C PHE A 191 6.76 -6.34 -8.86
N HIS A 192 7.16 -7.52 -9.25
CA HIS A 192 7.67 -8.57 -8.34
C HIS A 192 9.02 -8.10 -7.82
N PRO A 193 9.32 -8.40 -6.54
CA PRO A 193 10.61 -8.11 -5.94
C PRO A 193 11.80 -8.76 -6.67
N ASN A 194 11.58 -9.77 -7.50
CA ASN A 194 12.72 -10.36 -8.24
C ASN A 194 13.16 -9.44 -9.41
N GLY A 195 12.46 -8.36 -9.74
CA GLY A 195 12.89 -7.41 -10.78
C GLY A 195 12.78 -7.96 -12.21
N LEU A 196 12.20 -9.14 -12.41
CA LEU A 196 12.00 -9.73 -13.76
C LEU A 196 10.53 -9.79 -14.18
N GLU A 197 9.59 -9.68 -13.26
CA GLU A 197 8.15 -9.88 -13.60
C GLU A 197 7.32 -8.68 -13.14
N VAL A 198 6.23 -8.46 -13.85
CA VAL A 198 5.12 -7.50 -13.61
C VAL A 198 3.82 -8.28 -13.34
N ILE A 199 3.11 -7.92 -12.27
CA ILE A 199 1.77 -8.49 -11.94
C ILE A 199 0.72 -7.41 -12.16
N ILE A 200 -0.13 -7.62 -13.16
CA ILE A 200 -1.23 -6.68 -13.49
C ILE A 200 -2.54 -7.43 -13.41
N ASN A 201 -3.16 -7.29 -12.27
CA ASN A 201 -4.45 -7.97 -12.01
C ASN A 201 -4.20 -9.48 -12.13
N THR A 202 -4.75 -10.17 -13.11
CA THR A 202 -4.64 -11.65 -13.20
C THR A 202 -3.45 -12.05 -14.09
N GLU A 203 -2.82 -11.10 -14.77
CA GLU A 203 -1.76 -11.39 -15.77
C GLU A 203 -0.38 -11.22 -15.12
N ILE A 204 0.53 -12.16 -15.33
CA ILE A 204 1.93 -12.06 -14.89
C ILE A 204 2.79 -11.99 -16.14
N TRP A 205 3.44 -10.86 -16.38
CA TRP A 205 4.24 -10.63 -17.61
C TRP A 205 5.74 -10.72 -17.32
N ASP A 206 6.51 -11.20 -18.28
CA ASP A 206 7.98 -11.15 -18.21
C ASP A 206 8.44 -9.77 -18.69
N LEU A 207 9.27 -9.10 -17.90
CA LEU A 207 9.81 -7.75 -18.17
C LEU A 207 10.83 -7.73 -19.32
N ARG A 208 11.51 -8.87 -19.56
CA ARG A 208 12.55 -8.98 -20.62
C ARG A 208 11.95 -9.38 -21.97
N THR A 209 10.83 -10.13 -22.01
CA THR A 209 10.25 -10.60 -23.29
C THR A 209 8.81 -10.16 -23.45
N PHE A 210 8.12 -9.78 -22.40
CA PHE A 210 6.69 -9.40 -22.49
C PHE A 210 5.83 -10.60 -22.89
N HIS A 211 6.31 -11.81 -22.71
CA HIS A 211 5.44 -13.02 -22.75
C HIS A 211 4.57 -13.06 -21.50
N LEU A 212 3.40 -13.62 -21.65
CA LEU A 212 2.51 -13.85 -20.50
C LEU A 212 2.96 -15.14 -19.80
N LEU A 213 3.41 -15.11 -18.56
CA LEU A 213 3.92 -16.34 -17.89
C LEU A 213 2.80 -17.11 -17.20
N HIS A 214 1.79 -16.43 -16.68
CA HIS A 214 0.75 -17.02 -15.80
C HIS A 214 -0.52 -16.17 -15.89
N THR A 215 -1.65 -16.85 -15.82
CA THR A 215 -2.98 -16.30 -15.53
C THR A 215 -3.35 -16.72 -14.10
N VAL A 216 -3.71 -15.82 -13.21
CA VAL A 216 -4.13 -16.28 -11.86
C VAL A 216 -5.51 -15.70 -11.62
N PRO A 217 -6.57 -16.45 -11.97
CA PRO A 217 -7.94 -15.94 -11.82
C PRO A 217 -8.22 -15.46 -10.40
N ALA A 218 -7.64 -16.06 -9.37
CA ALA A 218 -7.89 -15.66 -7.97
C ALA A 218 -7.33 -14.29 -7.63
N LEU A 219 -6.42 -13.74 -8.43
CA LEU A 219 -5.90 -12.36 -8.19
C LEU A 219 -6.86 -11.31 -8.77
N ASP A 220 -7.97 -11.67 -9.42
CA ASP A 220 -8.87 -10.63 -10.02
C ASP A 220 -9.29 -9.61 -8.96
N GLN A 221 -9.05 -8.34 -9.25
CA GLN A 221 -9.42 -7.18 -8.42
C GLN A 221 -8.66 -7.21 -7.09
N CYS A 222 -7.56 -7.95 -7.00
CA CYS A 222 -6.81 -7.99 -5.73
C CYS A 222 -5.69 -6.96 -5.77
N ARG A 223 -5.47 -6.36 -4.62
CA ARG A 223 -4.28 -5.60 -4.24
C ARG A 223 -3.33 -6.58 -3.54
N VAL A 224 -2.12 -6.57 -4.03
CA VAL A 224 -1.06 -7.57 -3.80
C VAL A 224 -0.01 -6.94 -2.89
N VAL A 225 0.44 -7.71 -1.91
CA VAL A 225 1.57 -7.39 -1.03
C VAL A 225 2.47 -8.63 -0.92
N PHE A 226 3.76 -8.40 -1.09
CA PHE A 226 4.82 -9.41 -0.87
C PHE A 226 5.27 -9.38 0.59
N ASN A 227 5.61 -10.51 1.18
CA ASN A 227 6.42 -10.54 2.42
C ASN A 227 7.81 -9.97 2.06
N HIS A 228 8.65 -9.74 3.07
N HIS A 228 8.65 -9.71 3.07
CA HIS A 228 9.93 -9.00 2.98
CA HIS A 228 9.91 -8.94 2.91
C HIS A 228 10.98 -9.87 2.30
C HIS A 228 11.06 -9.86 2.45
N THR A 229 10.85 -11.18 2.39
CA THR A 229 11.80 -12.11 1.74
C THR A 229 11.40 -12.42 0.30
N GLY A 230 10.29 -11.92 -0.22
CA GLY A 230 9.87 -12.17 -1.61
C GLY A 230 9.47 -13.61 -1.91
N THR A 231 9.08 -14.40 -0.92
CA THR A 231 8.68 -15.82 -1.13
C THR A 231 7.16 -15.98 -1.08
N VAL A 232 6.43 -15.03 -0.51
CA VAL A 232 4.93 -15.21 -0.43
C VAL A 232 4.26 -13.93 -0.88
N MET A 233 3.18 -14.09 -1.62
CA MET A 233 2.36 -12.97 -2.13
C MET A 233 0.94 -13.06 -1.54
N TYR A 234 0.46 -11.97 -0.94
CA TYR A 234 -0.78 -11.90 -0.13
C TYR A 234 -1.69 -10.98 -0.93
N GLY A 235 -2.95 -11.36 -1.13
CA GLY A 235 -3.93 -10.60 -1.94
C GLY A 235 -5.28 -10.48 -1.23
N ALA A 236 -5.86 -9.28 -1.26
CA ALA A 236 -7.26 -8.99 -0.84
C ALA A 236 -7.95 -8.23 -1.96
N MET A 237 -9.23 -8.47 -2.15
CA MET A 237 -9.98 -8.20 -3.42
C MET A 237 -10.84 -6.97 -3.18
N LEU A 238 -10.94 -6.05 -4.16
CA LEU A 238 -11.75 -4.80 -4.05
C LEU A 238 -13.24 -5.15 -4.12
N GLN A 239 -14.04 -4.29 -3.47
CA GLN A 239 -15.51 -4.23 -3.58
C GLN A 239 -15.94 -3.63 -4.93
N ALA A 240 -16.89 -4.29 -5.63
CA ALA A 240 -17.82 -3.72 -6.64
C ALA A 240 -18.93 -2.91 -5.95
N LYS A 252 -18.25 2.13 2.35
CA LYS A 252 -17.27 2.12 3.49
C LYS A 252 -15.90 1.57 3.00
N SER A 253 -15.81 0.28 2.62
CA SER A 253 -14.58 -0.55 2.55
C SER A 253 -13.99 -0.66 1.14
N PRO A 254 -12.63 -0.65 0.96
CA PRO A 254 -12.03 -0.91 -0.34
C PRO A 254 -12.07 -2.41 -0.70
N PHE A 255 -11.89 -3.34 0.27
CA PHE A 255 -11.86 -4.82 0.01
C PHE A 255 -13.08 -5.56 0.64
N GLY A 256 -13.32 -6.77 0.09
CA GLY A 256 -14.18 -7.83 0.64
C GLY A 256 -13.55 -8.49 1.85
N SER A 257 -13.96 -9.71 2.16
CA SER A 257 -13.78 -10.31 3.51
C SER A 257 -12.79 -11.47 3.47
N SER A 258 -12.08 -11.70 2.38
CA SER A 258 -11.09 -12.80 2.35
C SER A 258 -9.76 -12.39 1.73
N PHE A 259 -8.72 -13.15 2.06
CA PHE A 259 -7.36 -12.93 1.53
C PHE A 259 -6.81 -14.27 1.08
N ARG A 260 -6.01 -14.19 0.02
CA ARG A 260 -5.36 -15.37 -0.58
C ARG A 260 -3.85 -15.25 -0.38
N THR A 261 -3.17 -16.33 -0.05
CA THR A 261 -1.69 -16.40 -0.16
C THR A 261 -1.29 -17.25 -1.39
N PHE A 262 -0.29 -16.78 -2.13
CA PHE A 262 0.41 -17.49 -3.23
C PHE A 262 1.92 -17.63 -2.95
N ASN A 263 2.47 -18.75 -3.38
CA ASN A 263 3.92 -18.90 -3.59
C ASN A 263 4.38 -17.85 -4.61
N ALA A 264 5.36 -17.03 -4.29
CA ALA A 264 5.85 -15.94 -5.18
C ALA A 264 6.69 -16.46 -6.36
N THR A 265 7.21 -17.69 -6.31
CA THR A 265 8.09 -18.29 -7.34
C THR A 265 7.26 -18.95 -8.43
N ASP A 266 6.24 -19.73 -8.08
CA ASP A 266 5.40 -20.43 -9.09
C ASP A 266 3.95 -19.95 -9.09
N TYR A 267 3.55 -19.03 -8.21
CA TYR A 267 2.16 -18.51 -8.13
C TYR A 267 1.12 -19.59 -7.76
N LYS A 268 1.55 -20.72 -7.26
CA LYS A 268 0.63 -21.75 -6.73
C LYS A 268 -0.05 -21.20 -5.48
N PRO A 269 -1.38 -21.35 -5.34
CA PRO A 269 -2.07 -20.86 -4.16
C PRO A 269 -1.64 -21.67 -2.95
N ILE A 270 -1.33 -21.03 -1.83
CA ILE A 270 -1.07 -21.71 -0.54
C ILE A 270 -2.35 -21.72 0.30
N ALA A 271 -3.04 -20.58 0.49
CA ALA A 271 -4.25 -20.40 1.35
C ALA A 271 -5.30 -19.40 0.79
N THR A 272 -6.56 -19.68 1.13
CA THR A 272 -7.70 -18.75 1.07
C THR A 272 -8.24 -18.66 2.51
N ILE A 273 -8.20 -17.46 3.12
CA ILE A 273 -8.78 -17.16 4.46
C ILE A 273 -9.98 -16.23 4.25
N ASP A 274 -11.17 -16.63 4.69
CA ASP A 274 -12.34 -15.72 4.78
C ASP A 274 -12.41 -15.33 6.26
N VAL A 275 -12.25 -14.03 6.55
CA VAL A 275 -12.27 -13.54 7.95
C VAL A 275 -13.70 -13.09 8.27
N LYS A 276 -14.59 -13.16 7.27
CA LYS A 276 -16.04 -12.95 7.45
C LYS A 276 -16.33 -11.48 7.78
N ARG A 277 -15.38 -10.61 7.47
CA ARG A 277 -15.39 -9.15 7.81
C ARG A 277 -14.62 -8.47 6.67
N ASN A 278 -15.08 -7.30 6.23
CA ASN A 278 -14.38 -6.59 5.14
C ASN A 278 -12.99 -6.13 5.62
N ILE A 279 -12.01 -6.33 4.75
CA ILE A 279 -10.60 -6.01 5.01
C ILE A 279 -10.32 -4.59 4.52
N PHE A 280 -9.65 -3.81 5.34
CA PHE A 280 -9.21 -2.47 4.93
C PHE A 280 -7.75 -2.49 4.53
N ASP A 281 -6.94 -3.33 5.14
CA ASP A 281 -5.46 -3.33 4.90
C ASP A 281 -4.83 -4.58 5.50
N LEU A 282 -3.64 -4.92 5.03
CA LEU A 282 -2.84 -5.96 5.68
C LEU A 282 -1.38 -5.70 5.36
N CYS A 283 -0.49 -6.19 6.20
CA CYS A 283 0.97 -5.96 6.05
C CYS A 283 1.68 -6.99 6.93
N THR A 284 2.98 -7.21 6.67
CA THR A 284 3.81 -8.16 7.45
C THR A 284 4.94 -7.39 8.09
N ASP A 285 5.49 -7.95 9.15
CA ASP A 285 6.70 -7.39 9.82
C ASP A 285 7.91 -7.78 8.94
N THR A 286 9.06 -7.18 9.17
CA THR A 286 10.21 -7.36 8.25
C THR A 286 10.86 -8.74 8.46
N LYS A 287 10.56 -9.45 9.54
CA LYS A 287 11.04 -10.86 9.69
C LYS A 287 9.99 -11.85 9.19
N ASP A 288 8.82 -11.43 8.71
CA ASP A 288 7.85 -12.33 8.05
C ASP A 288 7.37 -13.41 9.04
N CYS A 289 7.16 -13.02 10.29
CA CYS A 289 6.64 -13.88 11.38
C CYS A 289 5.13 -13.69 11.55
N TYR A 290 4.68 -12.47 11.27
CA TYR A 290 3.36 -11.93 11.66
C TYR A 290 2.73 -11.24 10.46
N LEU A 291 1.42 -11.43 10.37
CA LEU A 291 0.60 -10.69 9.39
C LEU A 291 -0.39 -9.85 10.19
N ALA A 292 -0.47 -8.57 9.91
CA ALA A 292 -1.48 -7.70 10.52
C ALA A 292 -2.59 -7.42 9.51
N VAL A 293 -3.83 -7.48 9.96
CA VAL A 293 -5.02 -7.28 9.12
C VAL A 293 -5.97 -6.32 9.85
N ILE A 294 -6.42 -5.28 9.15
CA ILE A 294 -7.54 -4.39 9.58
CA ILE A 294 -7.54 -4.42 9.61
C ILE A 294 -8.83 -4.97 9.00
N GLU A 295 -9.74 -5.34 9.87
CA GLU A 295 -11.02 -5.95 9.50
C GLU A 295 -12.10 -5.02 10.08
N ASN A 296 -13.12 -4.75 9.29
CA ASN A 296 -14.28 -3.97 9.73
C ASN A 296 -15.40 -4.88 10.28
N GLN A 297 -15.84 -4.63 11.51
CA GLN A 297 -16.93 -5.37 12.11
C GLN A 297 -18.28 -4.88 11.55
N GLY A 298 -18.37 -3.64 11.11
CA GLY A 298 -19.62 -3.10 10.53
C GLY A 298 -19.74 -3.41 9.04
N SER A 299 -20.94 -3.28 8.47
CA SER A 299 -21.14 -3.34 6.99
C SER A 299 -20.81 -1.97 6.39
N MET A 300 -20.80 -1.95 5.05
CA MET A 300 -20.78 -0.73 4.20
C MET A 300 -21.91 0.26 4.59
N ASP A 301 -23.09 -0.23 4.97
CA ASP A 301 -24.32 0.56 5.27
C ASP A 301 -24.32 1.15 6.69
N ALA A 302 -23.37 0.84 7.56
CA ALA A 302 -23.46 1.27 8.98
C ALA A 302 -23.22 2.78 9.01
N LEU A 303 -23.69 3.44 10.07
CA LEU A 303 -23.46 4.89 10.31
C LEU A 303 -21.97 5.19 10.22
N ASN A 304 -21.15 4.32 10.78
CA ASN A 304 -19.71 4.55 11.08
C ASN A 304 -18.94 3.24 10.96
N MET A 305 -17.63 3.28 10.78
CA MET A 305 -16.88 2.02 10.70
C MET A 305 -16.59 1.51 12.13
N ASP A 306 -16.23 0.24 12.28
CA ASP A 306 -15.87 -0.33 13.59
C ASP A 306 -14.75 -1.38 13.42
N THR A 307 -13.59 -0.92 13.09
CA THR A 307 -12.49 -1.83 12.65
C THR A 307 -11.71 -2.33 13.86
N VAL A 308 -11.12 -3.50 13.68
CA VAL A 308 -10.15 -4.09 14.63
C VAL A 308 -8.90 -4.37 13.80
N CYS A 309 -7.75 -4.37 14.46
CA CYS A 309 -6.48 -4.90 13.97
C CYS A 309 -6.27 -6.31 14.56
N ARG A 310 -6.18 -7.31 13.70
CA ARG A 310 -5.91 -8.74 14.05
C ARG A 310 -4.45 -9.07 13.63
N LEU A 311 -3.66 -9.60 14.55
CA LEU A 311 -2.28 -10.08 14.35
C LEU A 311 -2.30 -11.61 14.27
N TYR A 312 -1.81 -12.16 13.17
CA TYR A 312 -1.65 -13.62 13.02
C TYR A 312 -0.15 -14.00 12.93
N GLU A 313 0.20 -15.10 13.60
CA GLU A 313 1.48 -15.83 13.39
C GLU A 313 1.35 -16.70 12.12
N VAL A 314 2.35 -16.69 11.26
CA VAL A 314 2.37 -17.52 10.01
C VAL A 314 3.40 -18.65 10.18
N GLY A 315 4.66 -18.32 10.49
CA GLY A 315 5.73 -19.27 10.86
C GLY A 315 6.67 -18.66 11.89
#